data_8GFC
#
_entry.id   8GFC
#
_cell.length_a   176.494
_cell.length_b   176.494
_cell.length_c   176.494
_cell.angle_alpha   90.000
_cell.angle_beta   90.000
_cell.angle_gamma   90.000
#
_symmetry.space_group_name_H-M   'I 2 3'
#
loop_
_entity.id
_entity.type
_entity.pdbx_description
1 polymer 'Lytic transglycosylase domain-containing protein'
2 non-polymer '[(2S)-1,4-dioxan-2-yl]methyl 2-acetamido-4-amino-2,4-dideoxy-beta-D-glucopyranoside'
3 non-polymer 'CITRIC ACID'
4 non-polymer 'DIMETHYL SULFOXIDE'
5 water water
#
_entity_poly.entity_id   1
_entity_poly.type   'polypeptide(L)'
_entity_poly.pdbx_seq_one_letter_code
;MGSSHHHHHHSSGLVPRGSHMQYSIEKLKKEENSLAKDYYIYRLLEKNKISKKDAQDLNSHIFRYIGKIKSELEKIIPLK
PYINPKYAKCYTYTANTILDANLTCQSVRLNSLVFIASLNSKDRTTLAQTFKNQRPDLTNLLLAFNTSDPMSYIVQKEDI
NGFFKLYNYSKKYDLDLNTSLVNKLPNHIGFKDFAQNIIIKKENPKFRHSMLEINPENVSEDSAFYLGVNALTYDKTELA
YDFFKKAAQSFKSQSNKDNAIFWMWLIKNNEEDLKTLSQSSSLNIYSLYAKELTNTPFPKIESLNPSKKKNNFNMQDPFA
WQKINKQIRDANASQLDVLAKEFDTQETLPIYAYILERKNNFKKHYFIMPYYDNIKDYNKTRQALILAIARQESRFIPTA
ISVSYALGMMQFMPFLANHIGEKELKIPNFDQDFMFKPEIAYYFGNYHLNYLESRLKSPLFVAYAYNGGIGFTNRMLARN
DMFKTGKFEPFLSMELVPYQESRIYGKKVLANYIVYRHLLNDSIKISDIFENLIQNKANDLNKS
;
_entity_poly.pdbx_strand_id   A
#
loop_
_chem_comp.id
_chem_comp.type
_chem_comp.name
_chem_comp.formula
CIT non-polymer 'CITRIC ACID' 'C6 H8 O7'
DMS non-polymer 'DIMETHYL SULFOXIDE' 'C2 H6 O S'
ZI2 non-polymer '[(2S)-1,4-dioxan-2-yl]methyl 2-acetamido-4-amino-2,4-dideoxy-beta-D-glucopyranoside' 'C13 H24 N2 O7'
#
# COMPACT_ATOMS: atom_id res chain seq x y z
N TYR A 23 -11.02 22.97 19.86
CA TYR A 23 -9.57 22.68 19.99
C TYR A 23 -8.74 23.84 19.41
N SER A 24 -8.34 24.79 20.27
CA SER A 24 -7.44 25.87 19.87
C SER A 24 -6.02 25.35 19.74
N ILE A 25 -5.17 26.10 19.03
CA ILE A 25 -3.79 25.67 18.84
C ILE A 25 -3.11 25.43 20.18
N GLU A 26 -3.54 26.19 21.21
CA GLU A 26 -3.01 26.10 22.57
C GLU A 26 -3.20 24.71 23.19
N LYS A 27 -4.46 24.21 23.23
CA LYS A 27 -4.74 22.93 23.86
C LYS A 27 -4.11 21.78 23.06
N LEU A 28 -3.98 21.97 21.74
CA LEU A 28 -3.38 20.98 20.85
C LEU A 28 -1.90 20.83 21.19
N LYS A 29 -1.24 21.95 21.53
CA LYS A 29 0.17 21.91 21.88
C LYS A 29 0.40 21.12 23.17
N LYS A 30 -0.61 21.03 24.05
CA LYS A 30 -0.51 20.29 25.31
C LYS A 30 -0.78 18.79 25.16
N GLU A 31 -1.05 18.29 23.93
CA GLU A 31 -1.30 16.87 23.71
C GLU A 31 -0.05 16.25 23.08
N GLU A 32 0.09 14.93 23.24
CA GLU A 32 1.22 14.20 22.68
C GLU A 32 1.13 14.28 21.16
N ASN A 33 2.30 14.35 20.51
CA ASN A 33 2.38 14.24 19.06
C ASN A 33 1.68 12.95 18.61
N SER A 34 0.68 13.08 17.74
CA SER A 34 -0.02 11.94 17.14
C SER A 34 -0.58 12.34 15.79
N LEU A 35 -1.08 11.36 15.06
CA LEU A 35 -1.84 11.62 13.87
C LEU A 35 -3.12 12.38 14.21
N ALA A 36 -3.71 12.15 15.39
CA ALA A 36 -4.90 12.89 15.77
C ALA A 36 -4.57 14.39 15.83
N LYS A 37 -3.47 14.68 16.53
CA LYS A 37 -2.97 16.02 16.71
C LYS A 37 -2.64 16.64 15.35
N ASP A 38 -1.99 15.87 14.47
CA ASP A 38 -1.77 16.36 13.11
C ASP A 38 -3.08 16.82 12.46
N TYR A 39 -4.07 15.91 12.47
CA TYR A 39 -5.36 16.12 11.82
C TYR A 39 -5.90 17.49 12.26
N TYR A 40 -6.01 17.68 13.58
CA TYR A 40 -6.57 18.88 14.17
C TYR A 40 -5.74 20.13 13.81
N ILE A 41 -4.41 20.02 13.85
CA ILE A 41 -3.60 21.11 13.35
C ILE A 41 -3.93 21.33 11.87
N TYR A 42 -4.05 20.26 11.10
CA TYR A 42 -4.36 20.44 9.69
C TYR A 42 -5.66 21.22 9.56
N ARG A 43 -6.59 20.98 10.49
CA ARG A 43 -7.92 21.54 10.36
C ARG A 43 -7.86 23.03 10.61
N LEU A 44 -7.02 23.46 11.55
CA LEU A 44 -6.83 24.88 11.79
C LEU A 44 -6.20 25.50 10.54
N LEU A 45 -5.22 24.80 9.98
CA LEU A 45 -4.54 25.30 8.82
C LEU A 45 -5.50 25.51 7.65
N GLU A 46 -6.36 24.51 7.36
CA GLU A 46 -7.18 24.59 6.16
C GLU A 46 -8.21 25.71 6.32
N LYS A 47 -8.55 26.08 7.56
CA LYS A 47 -9.47 27.18 7.83
C LYS A 47 -8.72 28.49 8.11
N ASN A 48 -7.39 28.50 7.89
CA ASN A 48 -6.57 29.70 7.96
C ASN A 48 -6.60 30.31 9.37
N LYS A 49 -6.69 29.46 10.42
CA LYS A 49 -6.70 29.90 11.81
C LYS A 49 -5.33 29.83 12.48
N ILE A 50 -4.27 29.45 11.74
CA ILE A 50 -2.91 29.47 12.28
C ILE A 50 -2.18 30.76 11.83
N SER A 51 -1.87 31.66 12.78
CA SER A 51 -1.09 32.85 12.47
C SER A 51 0.36 32.47 12.19
N LYS A 52 1.09 33.39 11.54
CA LYS A 52 2.53 33.24 11.37
C LYS A 52 3.21 33.13 12.74
N LYS A 53 2.73 33.89 13.75
CA LYS A 53 3.14 33.70 15.13
C LYS A 53 3.00 32.24 15.57
N ASP A 54 1.75 31.72 15.53
CA ASP A 54 1.40 30.38 16.01
C ASP A 54 2.28 29.32 15.35
N ALA A 55 2.62 29.54 14.07
CA ALA A 55 3.32 28.58 13.24
C ALA A 55 4.83 28.50 13.51
N GLN A 56 5.36 29.28 14.48
CA GLN A 56 6.81 29.35 14.61
C GLN A 56 7.32 28.01 15.15
N ASP A 57 6.78 27.52 16.28
CA ASP A 57 7.39 26.38 16.96
C ASP A 57 6.69 25.07 16.61
N LEU A 58 6.25 24.92 15.35
CA LEU A 58 5.19 23.99 15.00
C LEU A 58 5.70 22.79 14.21
N ASN A 59 6.86 22.93 13.54
CA ASN A 59 7.64 21.79 13.05
C ASN A 59 7.73 20.71 14.13
N SER A 60 8.03 21.13 15.38
CA SER A 60 8.25 20.24 16.52
C SER A 60 6.98 19.52 16.97
N HIS A 61 5.80 20.08 16.69
CA HIS A 61 4.53 19.56 17.20
C HIS A 61 3.83 18.61 16.24
N ILE A 62 4.51 18.19 15.16
CA ILE A 62 3.84 17.51 14.07
C ILE A 62 4.41 16.11 13.89
N PHE A 63 3.63 15.13 14.38
CA PHE A 63 3.97 13.72 14.38
C PHE A 63 4.52 13.26 13.03
N ARG A 64 3.89 13.64 11.92
CA ARG A 64 4.31 13.15 10.61
C ARG A 64 4.25 14.29 9.58
N TYR A 65 5.40 14.94 9.40
CA TYR A 65 5.53 16.13 8.58
C TYR A 65 5.66 15.73 7.11
N ILE A 66 4.56 15.22 6.50
CA ILE A 66 4.51 14.83 5.10
C ILE A 66 3.16 15.26 4.52
N GLY A 67 3.06 15.30 3.19
CA GLY A 67 1.78 15.48 2.52
C GLY A 67 1.26 16.90 2.68
N LYS A 68 -0.05 17.04 2.95
CA LYS A 68 -0.73 18.31 2.82
C LYS A 68 -0.41 19.23 4.01
N ILE A 69 -0.22 18.67 5.22
CA ILE A 69 0.08 19.49 6.40
C ILE A 69 1.40 20.21 6.20
N LYS A 70 2.34 19.56 5.48
CA LYS A 70 3.65 20.11 5.16
C LYS A 70 3.50 21.19 4.09
N SER A 71 2.84 20.90 2.98
CA SER A 71 2.67 21.91 1.95
C SER A 71 1.77 23.05 2.44
N GLU A 72 0.96 22.81 3.47
CA GLU A 72 0.03 23.82 3.97
C GLU A 72 0.77 24.74 4.92
N LEU A 73 1.60 24.16 5.79
CA LEU A 73 2.39 24.96 6.72
C LEU A 73 3.50 25.75 5.98
N GLU A 74 3.93 25.30 4.80
CA GLU A 74 4.99 25.96 4.03
C GLU A 74 4.43 27.09 3.16
N LYS A 75 3.10 27.27 3.16
CA LYS A 75 2.50 28.47 2.61
C LYS A 75 2.61 29.62 3.61
N ILE A 76 2.68 29.28 4.91
CA ILE A 76 2.79 30.25 5.98
C ILE A 76 4.28 30.58 6.18
N ILE A 77 5.08 29.54 6.46
CA ILE A 77 6.52 29.68 6.64
C ILE A 77 7.23 28.83 5.59
N PRO A 78 7.63 29.38 4.42
CA PRO A 78 8.33 28.59 3.42
C PRO A 78 9.71 28.42 4.01
N LEU A 79 9.91 27.33 4.76
CA LEU A 79 11.25 26.88 5.11
C LEU A 79 11.58 25.77 4.12
N LYS A 80 12.39 26.12 3.13
CA LYS A 80 12.90 25.13 2.21
C LYS A 80 14.41 25.34 2.05
N PRO A 81 15.18 25.37 3.17
CA PRO A 81 16.51 24.73 3.19
C PRO A 81 16.40 23.35 2.52
N TYR A 82 17.15 22.32 2.95
CA TYR A 82 18.40 22.40 3.68
C TYR A 82 19.48 21.74 2.84
N ILE A 83 20.64 22.42 2.75
CA ILE A 83 21.82 21.94 2.04
C ILE A 83 22.98 21.97 3.04
N ASN A 84 23.73 20.86 3.07
CA ASN A 84 24.68 20.52 4.12
C ASN A 84 25.77 21.60 4.24
N PRO A 85 26.00 22.19 5.44
CA PRO A 85 27.04 23.22 5.62
C PRO A 85 28.39 23.02 4.92
N LYS A 86 28.81 21.76 4.72
CA LYS A 86 30.11 21.43 4.15
C LYS A 86 30.14 21.66 2.63
N TYR A 87 29.09 21.23 1.91
CA TYR A 87 29.09 21.27 0.44
C TYR A 87 28.40 22.52 -0.10
N ALA A 88 28.35 23.60 0.67
CA ALA A 88 27.56 24.76 0.31
C ALA A 88 28.19 25.44 -0.90
N LYS A 89 29.52 25.50 -0.88
CA LYS A 89 30.31 26.04 -1.97
C LYS A 89 29.90 25.37 -3.29
N CYS A 90 29.61 24.08 -3.24
CA CYS A 90 29.45 23.25 -4.43
C CYS A 90 28.20 23.64 -5.22
N TYR A 91 27.21 24.21 -4.54
CA TYR A 91 25.96 24.58 -5.18
C TYR A 91 26.01 26.03 -5.67
N THR A 92 27.20 26.64 -5.75
CA THR A 92 27.33 27.96 -6.37
C THR A 92 27.76 27.82 -7.82
N TYR A 93 28.12 26.61 -8.26
CA TYR A 93 28.59 26.39 -9.61
C TYR A 93 27.40 25.93 -10.45
N THR A 94 27.48 26.18 -11.76
CA THR A 94 26.51 25.67 -12.71
C THR A 94 27.29 24.88 -13.76
N ALA A 95 26.58 24.39 -14.77
CA ALA A 95 27.14 23.65 -15.89
C ALA A 95 28.21 24.43 -16.64
N ASN A 96 28.18 25.78 -16.53
CA ASN A 96 29.12 26.65 -17.20
C ASN A 96 30.44 26.77 -16.45
N THR A 97 30.39 26.66 -15.11
CA THR A 97 31.54 26.99 -14.29
C THR A 97 32.03 25.78 -13.53
N ILE A 98 31.55 24.58 -13.86
CA ILE A 98 31.85 23.40 -13.05
C ILE A 98 33.34 23.01 -13.15
N LEU A 99 33.96 23.26 -14.31
CA LEU A 99 35.40 23.06 -14.43
C LEU A 99 36.24 24.02 -13.55
N ASP A 100 35.63 25.09 -12.99
CA ASP A 100 36.33 25.95 -12.04
C ASP A 100 36.17 25.40 -10.60
N ALA A 101 35.44 24.30 -10.40
CA ALA A 101 35.22 23.80 -9.05
C ALA A 101 36.28 22.76 -8.68
N ASN A 102 36.61 22.71 -7.38
CA ASN A 102 37.51 21.72 -6.83
C ASN A 102 36.90 20.33 -7.09
N LEU A 103 37.68 19.28 -6.81
CA LEU A 103 37.37 17.94 -7.29
C LEU A 103 36.23 17.33 -6.46
N THR A 104 36.18 17.63 -5.16
CA THR A 104 35.09 17.19 -4.33
C THR A 104 33.77 17.75 -4.87
N CYS A 105 33.74 19.08 -5.11
CA CYS A 105 32.55 19.74 -5.63
C CYS A 105 32.11 19.12 -6.96
N GLN A 106 33.08 18.84 -7.83
CA GLN A 106 32.78 18.23 -9.13
C GLN A 106 31.99 16.95 -8.89
N SER A 107 32.42 16.11 -7.95
CA SER A 107 31.83 14.77 -7.82
C SER A 107 30.45 14.81 -7.18
N VAL A 108 30.26 15.70 -6.20
CA VAL A 108 28.98 15.99 -5.59
C VAL A 108 27.95 16.38 -6.67
N ARG A 109 28.26 17.37 -7.52
CA ARG A 109 27.28 17.83 -8.48
C ARG A 109 26.97 16.73 -9.49
N LEU A 110 27.94 15.83 -9.71
CA LEU A 110 27.77 14.76 -10.67
C LEU A 110 26.91 13.61 -10.14
N ASN A 111 26.41 13.68 -8.90
CA ASN A 111 25.37 12.76 -8.45
C ASN A 111 24.03 12.92 -9.15
N SER A 112 23.80 14.06 -9.84
CA SER A 112 22.53 14.31 -10.51
C SER A 112 22.67 14.05 -12.01
N LEU A 113 21.89 13.12 -12.55
CA LEU A 113 21.93 12.82 -13.98
C LEU A 113 21.41 13.99 -14.82
N VAL A 114 20.53 14.79 -14.22
CA VAL A 114 20.06 16.01 -14.84
C VAL A 114 21.22 16.99 -15.03
N PHE A 115 21.97 17.27 -13.96
CA PHE A 115 23.17 18.09 -14.07
C PHE A 115 24.05 17.57 -15.21
N ILE A 116 24.33 16.26 -15.21
CA ILE A 116 25.20 15.66 -16.22
C ILE A 116 24.63 15.91 -17.61
N ALA A 117 23.30 15.76 -17.76
CA ALA A 117 22.64 15.97 -19.04
C ALA A 117 22.80 17.42 -19.51
N SER A 118 22.91 18.34 -18.54
CA SER A 118 22.98 19.76 -18.81
C SER A 118 24.38 20.16 -19.30
N LEU A 119 25.41 19.36 -19.03
CA LEU A 119 26.78 19.71 -19.40
C LEU A 119 26.92 19.64 -20.91
N ASN A 120 27.93 20.32 -21.46
CA ASN A 120 28.25 20.15 -22.87
C ASN A 120 29.19 18.96 -23.02
N SER A 121 29.30 18.44 -24.25
CA SER A 121 29.92 17.14 -24.43
C SER A 121 31.42 17.19 -24.12
N LYS A 122 32.10 18.30 -24.41
CA LYS A 122 33.55 18.31 -24.24
C LYS A 122 33.87 18.44 -22.75
N ASP A 123 32.98 19.05 -21.98
CA ASP A 123 33.12 19.09 -20.52
C ASP A 123 32.87 17.70 -19.94
N ARG A 124 31.98 16.91 -20.56
CA ARG A 124 31.74 15.55 -20.13
C ARG A 124 33.00 14.73 -20.40
N THR A 125 33.65 14.97 -21.55
CA THR A 125 34.85 14.22 -21.89
C THR A 125 35.96 14.52 -20.89
N THR A 126 36.11 15.79 -20.53
CA THR A 126 37.15 16.22 -19.60
C THR A 126 36.93 15.60 -18.23
N LEU A 127 35.71 15.76 -17.71
CA LEU A 127 35.38 15.21 -16.40
C LEU A 127 35.49 13.68 -16.41
N ALA A 128 35.29 13.06 -17.57
CA ALA A 128 35.29 11.61 -17.65
C ALA A 128 36.71 11.09 -17.41
N GLN A 129 37.72 11.74 -18.02
CA GLN A 129 39.12 11.47 -17.77
C GLN A 129 39.48 11.72 -16.31
N THR A 130 39.08 12.88 -15.80
CA THR A 130 39.35 13.25 -14.42
C THR A 130 38.95 12.12 -13.46
N PHE A 131 37.88 11.38 -13.76
CA PHE A 131 37.29 10.45 -12.79
C PHE A 131 37.49 8.98 -13.13
N LYS A 132 38.13 8.64 -14.27
CA LYS A 132 38.27 7.24 -14.68
C LYS A 132 38.95 6.40 -13.59
N ASN A 133 39.83 7.01 -12.80
CA ASN A 133 40.62 6.28 -11.83
C ASN A 133 39.75 5.86 -10.66
N GLN A 134 39.24 6.85 -9.90
CA GLN A 134 38.63 6.63 -8.60
C GLN A 134 37.11 6.46 -8.70
N ARG A 135 36.44 7.11 -9.67
CA ARG A 135 34.99 7.07 -9.79
C ARG A 135 34.59 6.75 -11.23
N PRO A 136 34.87 5.54 -11.74
CA PRO A 136 34.44 5.13 -13.08
C PRO A 136 32.92 5.04 -13.28
N ASP A 137 32.17 4.85 -12.18
CA ASP A 137 30.73 5.07 -12.17
C ASP A 137 30.40 6.42 -12.84
N LEU A 138 31.11 7.50 -12.46
CA LEU A 138 30.87 8.81 -13.03
C LEU A 138 31.31 8.83 -14.47
N THR A 139 32.51 8.32 -14.71
CA THR A 139 33.04 8.22 -16.07
C THR A 139 32.04 7.60 -17.03
N ASN A 140 31.41 6.49 -16.63
CA ASN A 140 30.53 5.77 -17.54
C ASN A 140 29.30 6.61 -17.85
N LEU A 141 28.76 7.29 -16.84
CA LEU A 141 27.56 8.09 -17.06
C LEU A 141 27.88 9.32 -17.92
N LEU A 142 28.98 10.01 -17.58
CA LEU A 142 29.47 11.13 -18.38
C LEU A 142 29.58 10.72 -19.86
N LEU A 143 30.28 9.61 -20.13
CA LEU A 143 30.48 9.20 -21.51
C LEU A 143 29.16 8.70 -22.11
N ALA A 144 28.27 8.17 -21.28
CA ALA A 144 26.96 7.73 -21.74
C ALA A 144 26.15 8.88 -22.32
N PHE A 145 26.17 10.04 -21.64
CA PHE A 145 25.38 11.21 -22.06
C PHE A 145 25.96 11.93 -23.29
N ASN A 146 27.17 11.54 -23.73
CA ASN A 146 27.74 11.97 -25.01
C ASN A 146 27.22 11.12 -26.17
N THR A 147 26.29 10.18 -25.92
CA THR A 147 25.73 9.40 -27.01
C THR A 147 24.25 9.76 -27.17
N SER A 148 23.68 9.37 -28.31
CA SER A 148 22.24 9.49 -28.51
C SER A 148 21.43 8.49 -27.67
N ASP A 149 22.06 7.55 -26.92
CA ASP A 149 21.35 6.60 -26.05
C ASP A 149 22.18 6.20 -24.83
N PRO A 150 22.08 6.96 -23.71
CA PRO A 150 22.83 6.64 -22.50
C PRO A 150 22.60 5.23 -21.96
N MET A 151 21.36 4.74 -22.04
CA MET A 151 21.01 3.46 -21.44
C MET A 151 21.82 2.36 -22.12
N SER A 152 21.90 2.44 -23.44
CA SER A 152 22.57 1.45 -24.26
C SER A 152 24.04 1.37 -23.89
N TYR A 153 24.62 2.53 -23.57
CA TYR A 153 26.04 2.58 -23.24
C TYR A 153 26.25 1.90 -21.90
N ILE A 154 25.41 2.25 -20.91
CA ILE A 154 25.44 1.70 -19.56
C ILE A 154 25.25 0.19 -19.60
N VAL A 155 24.31 -0.28 -20.43
CA VAL A 155 24.00 -1.70 -20.52
C VAL A 155 25.20 -2.49 -21.03
N GLN A 156 25.83 -1.99 -22.10
CA GLN A 156 27.03 -2.59 -22.64
C GLN A 156 28.15 -2.63 -21.57
N LYS A 157 28.29 -1.63 -20.68
CA LYS A 157 29.31 -1.70 -19.65
C LYS A 157 28.88 -2.60 -18.49
N GLU A 158 27.61 -3.01 -18.46
CA GLU A 158 27.05 -3.77 -17.37
C GLU A 158 27.28 -3.02 -16.05
N ASP A 159 27.07 -1.69 -16.06
CA ASP A 159 27.12 -0.89 -14.84
C ASP A 159 25.72 -0.89 -14.20
N ILE A 160 25.58 -1.64 -13.09
CA ILE A 160 24.28 -1.92 -12.48
C ILE A 160 23.76 -0.68 -11.72
N ASN A 161 24.65 -0.07 -10.94
CA ASN A 161 24.35 1.18 -10.25
C ASN A 161 23.83 2.22 -11.24
N GLY A 162 24.51 2.32 -12.40
CA GLY A 162 24.16 3.27 -13.44
C GLY A 162 22.85 2.93 -14.11
N PHE A 163 22.57 1.64 -14.28
CA PHE A 163 21.31 1.26 -14.86
C PHE A 163 20.18 1.87 -14.04
N PHE A 164 20.25 1.73 -12.71
CA PHE A 164 19.14 2.11 -11.86
C PHE A 164 19.06 3.64 -11.79
N LYS A 165 20.22 4.30 -11.84
CA LYS A 165 20.22 5.76 -11.77
C LYS A 165 19.51 6.32 -13.02
N LEU A 166 19.82 5.76 -14.20
CA LEU A 166 19.15 6.07 -15.45
C LEU A 166 17.66 5.74 -15.44
N TYR A 167 17.29 4.57 -14.89
CA TYR A 167 15.89 4.22 -14.75
C TYR A 167 15.16 5.29 -13.92
N ASN A 168 15.74 5.71 -12.78
CA ASN A 168 15.09 6.69 -11.91
C ASN A 168 15.02 8.05 -12.59
N TYR A 169 16.06 8.39 -13.37
CA TYR A 169 16.08 9.62 -14.15
C TYR A 169 14.99 9.59 -15.23
N SER A 170 14.90 8.49 -15.99
CA SER A 170 13.87 8.41 -17.01
C SER A 170 13.37 6.97 -17.16
N LYS A 171 12.05 6.79 -17.04
CA LYS A 171 11.42 5.49 -17.18
C LYS A 171 11.37 5.06 -18.64
N LYS A 172 11.64 5.99 -19.56
CA LYS A 172 11.34 5.86 -20.99
C LYS A 172 12.38 5.05 -21.74
N TYR A 173 13.58 4.91 -21.13
CA TYR A 173 14.60 4.03 -21.67
C TYR A 173 14.06 2.60 -21.58
N ASP A 174 14.19 1.89 -22.71
CA ASP A 174 13.77 0.51 -22.87
C ASP A 174 14.68 -0.16 -23.91
N LEU A 175 15.15 -1.35 -23.58
CA LEU A 175 16.23 -1.99 -24.32
C LEU A 175 16.27 -3.44 -23.87
N ASP A 176 16.63 -4.33 -24.79
CA ASP A 176 16.85 -5.74 -24.49
C ASP A 176 18.14 -5.88 -23.69
N LEU A 177 18.07 -6.75 -22.67
CA LEU A 177 19.16 -7.00 -21.75
C LEU A 177 19.47 -8.48 -21.84
N ASN A 178 20.77 -8.82 -21.86
CA ASN A 178 21.19 -10.20 -21.97
C ASN A 178 21.10 -10.86 -20.58
N THR A 179 21.24 -12.20 -20.59
CA THR A 179 21.14 -13.07 -19.42
C THR A 179 22.13 -12.65 -18.33
N SER A 180 23.40 -12.54 -18.70
CA SER A 180 24.40 -12.04 -17.79
C SER A 180 23.91 -10.80 -17.03
N LEU A 181 23.38 -9.81 -17.76
CA LEU A 181 23.08 -8.54 -17.15
C LEU A 181 21.82 -8.61 -16.29
N VAL A 182 20.72 -9.20 -16.82
CA VAL A 182 19.49 -9.23 -16.04
C VAL A 182 19.74 -9.93 -14.71
N ASN A 183 20.57 -10.99 -14.72
CA ASN A 183 20.85 -11.79 -13.53
C ASN A 183 21.65 -11.01 -12.49
N LYS A 184 22.28 -9.88 -12.85
CA LYS A 184 22.92 -9.04 -11.84
C LYS A 184 21.99 -7.94 -11.30
N LEU A 185 20.83 -7.69 -11.93
CA LEU A 185 19.98 -6.58 -11.53
C LEU A 185 19.38 -6.79 -10.13
N PRO A 186 18.94 -8.02 -9.80
CA PRO A 186 18.31 -8.28 -8.51
C PRO A 186 19.20 -8.08 -7.29
N ASN A 187 20.51 -7.96 -7.45
CA ASN A 187 21.37 -7.73 -6.29
C ASN A 187 21.26 -6.26 -5.82
N HIS A 188 20.63 -5.37 -6.59
CA HIS A 188 20.49 -3.96 -6.22
C HIS A 188 19.15 -3.69 -5.52
N ILE A 189 19.12 -2.79 -4.52
CA ILE A 189 17.90 -2.43 -3.79
C ILE A 189 16.77 -1.97 -4.71
N GLY A 190 17.12 -1.33 -5.83
CA GLY A 190 16.12 -0.73 -6.71
C GLY A 190 15.30 -1.76 -7.46
N PHE A 191 15.78 -3.00 -7.50
CA PHE A 191 15.26 -4.02 -8.40
C PHE A 191 13.77 -4.30 -8.15
N LYS A 192 13.41 -4.50 -6.87
CA LYS A 192 12.08 -4.95 -6.50
C LYS A 192 11.01 -4.03 -7.09
N ASP A 193 11.16 -2.73 -6.86
CA ASP A 193 10.23 -1.68 -7.27
C ASP A 193 10.26 -1.51 -8.79
N PHE A 194 11.47 -1.55 -9.37
CA PHE A 194 11.67 -1.61 -10.81
C PHE A 194 10.85 -2.72 -11.47
N ALA A 195 10.89 -3.94 -10.93
CA ALA A 195 10.14 -5.02 -11.54
C ALA A 195 8.66 -4.85 -11.26
N GLN A 196 8.31 -4.51 -10.03
CA GLN A 196 6.90 -4.38 -9.70
C GLN A 196 6.28 -3.35 -10.64
N ASN A 197 6.91 -2.17 -10.74
CA ASN A 197 6.40 -1.07 -11.54
C ASN A 197 6.18 -1.45 -13.00
N ILE A 198 7.22 -1.94 -13.69
CA ILE A 198 7.10 -2.13 -15.13
C ILE A 198 6.13 -3.27 -15.45
N ILE A 199 6.06 -4.30 -14.59
CA ILE A 199 5.13 -5.42 -14.82
C ILE A 199 3.68 -4.96 -14.60
N ILE A 200 3.42 -4.20 -13.53
CA ILE A 200 2.08 -3.79 -13.18
C ILE A 200 1.57 -2.69 -14.14
N LYS A 201 2.48 -1.82 -14.58
CA LYS A 201 2.17 -0.71 -15.49
C LYS A 201 2.20 -1.17 -16.94
N LYS A 202 2.74 -2.36 -17.22
CA LYS A 202 2.83 -2.84 -18.58
C LYS A 202 3.67 -1.87 -19.42
N GLU A 203 4.86 -1.51 -18.92
CA GLU A 203 5.78 -0.61 -19.59
C GLU A 203 7.09 -1.35 -19.85
N ASN A 204 7.99 -0.68 -20.55
CA ASN A 204 9.30 -1.23 -20.82
C ASN A 204 9.15 -2.67 -21.28
N PRO A 205 8.46 -2.90 -22.41
CA PRO A 205 8.31 -4.22 -22.99
C PRO A 205 9.62 -4.99 -23.11
N LYS A 206 10.71 -4.32 -23.46
CA LYS A 206 11.95 -5.05 -23.68
C LYS A 206 12.62 -5.43 -22.36
N PHE A 207 12.50 -4.55 -21.37
CA PHE A 207 12.91 -4.89 -20.01
C PHE A 207 12.14 -6.13 -19.56
N ARG A 208 10.82 -6.14 -19.73
CA ARG A 208 9.98 -7.22 -19.26
C ARG A 208 10.38 -8.53 -19.93
N HIS A 209 10.54 -8.48 -21.26
CA HIS A 209 10.83 -9.70 -22.00
C HIS A 209 12.16 -10.27 -21.50
N SER A 210 13.11 -9.36 -21.20
CA SER A 210 14.47 -9.76 -20.83
C SER A 210 14.49 -10.43 -19.44
N MET A 211 13.51 -10.08 -18.61
CA MET A 211 13.43 -10.57 -17.24
C MET A 211 12.88 -11.99 -17.20
N LEU A 212 12.46 -12.53 -18.35
CA LEU A 212 12.19 -13.95 -18.46
C LEU A 212 13.42 -14.85 -18.24
N GLU A 213 14.64 -14.31 -18.36
CA GLU A 213 15.87 -15.09 -18.29
C GLU A 213 16.56 -14.91 -16.93
N ILE A 214 15.90 -14.23 -15.99
CA ILE A 214 16.40 -14.23 -14.63
C ILE A 214 16.22 -15.65 -14.07
N ASN A 215 17.33 -16.18 -13.56
CA ASN A 215 17.35 -17.45 -12.86
C ASN A 215 16.58 -17.27 -11.55
N PRO A 216 15.56 -18.11 -11.27
CA PRO A 216 14.84 -18.06 -9.99
C PRO A 216 15.73 -18.10 -8.76
N GLU A 217 16.87 -18.81 -8.87
CA GLU A 217 17.85 -18.86 -7.80
C GLU A 217 18.31 -17.47 -7.40
N ASN A 218 18.21 -16.47 -8.30
CA ASN A 218 18.84 -15.18 -8.05
C ASN A 218 17.85 -14.19 -7.46
N VAL A 219 16.57 -14.58 -7.29
CA VAL A 219 15.56 -13.69 -6.75
C VAL A 219 14.84 -14.36 -5.59
N SER A 220 14.08 -13.56 -4.79
CA SER A 220 13.21 -14.12 -3.76
C SER A 220 11.99 -13.23 -3.43
N GLU A 221 11.03 -13.76 -2.68
CA GLU A 221 10.00 -12.95 -2.03
C GLU A 221 9.21 -12.26 -3.13
N ASP A 222 8.95 -10.94 -3.01
CA ASP A 222 8.05 -10.24 -3.93
C ASP A 222 8.63 -10.22 -5.33
N SER A 223 9.94 -10.02 -5.45
CA SER A 223 10.59 -9.97 -6.75
C SER A 223 10.33 -11.26 -7.52
N ALA A 224 10.46 -12.39 -6.83
CA ALA A 224 10.23 -13.66 -7.48
C ALA A 224 8.76 -13.78 -7.90
N PHE A 225 7.85 -13.33 -7.04
CA PHE A 225 6.42 -13.41 -7.33
C PHE A 225 6.06 -12.63 -8.61
N TYR A 226 6.55 -11.37 -8.69
CA TYR A 226 6.32 -10.46 -9.81
C TYR A 226 6.88 -11.02 -11.13
N LEU A 227 8.05 -11.64 -11.05
CA LEU A 227 8.63 -12.38 -12.17
C LEU A 227 7.82 -13.60 -12.55
N GLY A 228 7.13 -14.20 -11.58
CA GLY A 228 6.16 -15.24 -11.89
C GLY A 228 5.01 -14.67 -12.72
N VAL A 229 4.49 -13.50 -12.31
CA VAL A 229 3.41 -12.84 -13.02
C VAL A 229 3.84 -12.45 -14.43
N ASN A 230 5.00 -11.79 -14.52
CA ASN A 230 5.67 -11.50 -15.78
C ASN A 230 5.63 -12.71 -16.72
N ALA A 231 6.11 -13.85 -16.21
CA ALA A 231 6.26 -15.03 -17.03
C ALA A 231 4.89 -15.51 -17.51
N LEU A 232 3.90 -15.51 -16.63
CA LEU A 232 2.57 -15.83 -17.10
C LEU A 232 2.14 -14.96 -18.28
N THR A 233 2.35 -13.63 -18.20
CA THR A 233 1.86 -12.74 -19.25
C THR A 233 2.42 -13.08 -20.64
N TYR A 234 3.61 -13.71 -20.72
CA TYR A 234 4.19 -14.18 -21.97
C TYR A 234 3.94 -15.68 -22.21
N ASP A 235 3.04 -16.31 -21.41
CA ASP A 235 2.67 -17.72 -21.51
C ASP A 235 3.87 -18.69 -21.35
N LYS A 236 4.81 -18.33 -20.47
CA LYS A 236 5.91 -19.17 -20.09
C LYS A 236 5.66 -19.73 -18.69
N THR A 237 4.86 -20.81 -18.64
CA THR A 237 4.27 -21.35 -17.42
C THR A 237 5.30 -22.13 -16.58
N GLU A 238 6.26 -22.77 -17.25
CA GLU A 238 7.35 -23.43 -16.54
C GLU A 238 8.13 -22.45 -15.68
N LEU A 239 8.59 -21.34 -16.29
CA LEU A 239 9.40 -20.37 -15.55
C LEU A 239 8.52 -19.72 -14.50
N ALA A 240 7.25 -19.46 -14.85
CA ALA A 240 6.33 -18.90 -13.89
C ALA A 240 6.33 -19.79 -12.64
N TYR A 241 6.11 -21.11 -12.85
CA TYR A 241 6.04 -22.06 -11.75
C TYR A 241 7.29 -21.92 -10.89
N ASP A 242 8.47 -21.95 -11.51
CA ASP A 242 9.72 -21.94 -10.75
C ASP A 242 9.84 -20.64 -9.96
N PHE A 243 9.40 -19.53 -10.57
CA PHE A 243 9.42 -18.24 -9.91
C PHE A 243 8.49 -18.27 -8.70
N PHE A 244 7.29 -18.81 -8.89
CA PHE A 244 6.28 -18.83 -7.85
C PHE A 244 6.71 -19.76 -6.71
N LYS A 245 7.36 -20.87 -7.08
CA LYS A 245 7.89 -21.81 -6.11
C LYS A 245 8.94 -21.12 -5.23
N LYS A 246 9.88 -20.43 -5.87
CA LYS A 246 10.90 -19.73 -5.12
C LYS A 246 10.28 -18.65 -4.22
N ALA A 247 9.19 -18.01 -4.67
CA ALA A 247 8.50 -17.04 -3.83
C ALA A 247 7.87 -17.73 -2.62
N ALA A 248 7.17 -18.85 -2.87
CA ALA A 248 6.56 -19.66 -1.82
C ALA A 248 7.58 -20.02 -0.73
N GLN A 249 8.79 -20.43 -1.13
CA GLN A 249 9.78 -20.89 -0.17
C GLN A 249 10.45 -19.78 0.63
N SER A 250 10.38 -18.53 0.16
CA SER A 250 11.12 -17.43 0.76
C SER A 250 10.21 -16.38 1.40
N PHE A 251 8.91 -16.39 1.06
CA PHE A 251 8.02 -15.37 1.59
C PHE A 251 8.03 -15.43 3.12
N LYS A 252 8.03 -14.26 3.75
CA LYS A 252 7.96 -14.12 5.19
C LYS A 252 6.52 -14.25 5.71
N SER A 253 5.51 -13.79 4.95
CA SER A 253 4.14 -13.87 5.42
C SER A 253 3.44 -15.07 4.78
N GLN A 254 2.57 -15.70 5.57
CA GLN A 254 1.87 -16.92 5.20
C GLN A 254 0.85 -16.62 4.09
N SER A 255 0.23 -15.43 4.18
CA SER A 255 -0.68 -14.91 3.17
C SER A 255 -0.02 -14.87 1.79
N ASN A 256 1.18 -14.30 1.75
CA ASN A 256 1.91 -14.19 0.50
C ASN A 256 2.31 -15.59 0.05
N LYS A 257 2.73 -16.41 1.01
CA LYS A 257 3.17 -17.76 0.68
C LYS A 257 2.02 -18.53 0.03
N ASP A 258 0.81 -18.31 0.56
CA ASP A 258 -0.42 -18.90 0.05
C ASP A 258 -0.77 -18.38 -1.35
N ASN A 259 -0.66 -17.06 -1.54
CA ASN A 259 -0.81 -16.44 -2.85
C ASN A 259 0.07 -17.16 -3.87
N ALA A 260 1.32 -17.47 -3.49
CA ALA A 260 2.26 -18.11 -4.42
C ALA A 260 1.96 -19.59 -4.61
N ILE A 261 1.52 -20.28 -3.55
CA ILE A 261 1.20 -21.70 -3.69
C ILE A 261 0.00 -21.84 -4.61
N PHE A 262 -0.94 -20.91 -4.49
CA PHE A 262 -2.09 -20.91 -5.40
C PHE A 262 -1.66 -20.95 -6.85
N TRP A 263 -0.63 -20.16 -7.17
CA TRP A 263 -0.21 -20.02 -8.55
C TRP A 263 0.51 -21.28 -9.00
N MET A 264 1.42 -21.79 -8.15
CA MET A 264 2.01 -23.10 -8.30
C MET A 264 0.94 -24.13 -8.67
N TRP A 265 -0.20 -24.13 -7.96
CA TRP A 265 -1.22 -25.13 -8.21
C TRP A 265 -1.93 -24.87 -9.54
N LEU A 266 -2.30 -23.64 -9.77
CA LEU A 266 -3.12 -23.31 -10.93
C LEU A 266 -2.38 -23.64 -12.24
N ILE A 267 -1.05 -23.60 -12.18
CA ILE A 267 -0.20 -23.82 -13.33
C ILE A 267 0.02 -25.31 -13.54
N LYS A 268 0.44 -26.03 -12.49
CA LYS A 268 0.84 -27.44 -12.65
C LYS A 268 -0.18 -28.40 -12.07
N ASN A 269 -1.02 -28.00 -11.12
CA ASN A 269 -2.11 -28.85 -10.61
C ASN A 269 -1.59 -30.06 -9.80
N ASN A 270 -0.43 -29.93 -9.15
CA ASN A 270 0.08 -30.93 -8.23
C ASN A 270 -0.80 -30.85 -6.98
N GLU A 271 -1.33 -31.98 -6.53
CA GLU A 271 -2.40 -31.93 -5.55
C GLU A 271 -1.83 -31.77 -4.14
N GLU A 272 -0.52 -32.00 -3.97
CA GLU A 272 0.12 -31.76 -2.68
C GLU A 272 0.22 -30.26 -2.39
N ASP A 273 0.21 -29.45 -3.46
CA ASP A 273 0.25 -28.00 -3.36
C ASP A 273 -1.11 -27.48 -2.89
N LEU A 274 -2.21 -27.99 -3.47
CA LEU A 274 -3.53 -27.56 -3.02
C LEU A 274 -3.83 -27.99 -1.59
N LYS A 275 -3.36 -29.18 -1.20
CA LYS A 275 -3.58 -29.62 0.16
C LYS A 275 -2.92 -28.62 1.10
N THR A 276 -1.64 -28.33 0.85
CA THR A 276 -0.89 -27.45 1.73
C THR A 276 -1.65 -26.13 1.90
N LEU A 277 -2.18 -25.62 0.77
CA LEU A 277 -2.85 -24.34 0.77
C LEU A 277 -4.17 -24.43 1.57
N SER A 278 -4.88 -25.57 1.46
CA SER A 278 -6.16 -25.75 2.15
C SER A 278 -5.98 -25.89 3.65
N GLN A 279 -4.75 -26.19 4.09
CA GLN A 279 -4.44 -26.42 5.49
C GLN A 279 -3.73 -25.20 6.10
N SER A 280 -3.69 -24.07 5.38
CA SER A 280 -2.96 -22.90 5.83
C SER A 280 -3.59 -22.27 7.06
N SER A 281 -2.73 -21.81 7.99
CA SER A 281 -3.19 -21.08 9.16
C SER A 281 -3.72 -19.69 8.77
N SER A 282 -3.30 -19.17 7.62
CA SER A 282 -3.74 -17.85 7.17
C SER A 282 -5.08 -17.95 6.45
N LEU A 283 -5.97 -17.05 6.87
CA LEU A 283 -7.28 -16.98 6.23
C LEU A 283 -7.21 -15.88 5.19
N ASN A 284 -7.27 -16.26 3.92
CA ASN A 284 -7.15 -15.35 2.80
C ASN A 284 -7.99 -15.99 1.71
N ILE A 285 -8.15 -15.32 0.57
CA ILE A 285 -9.02 -15.85 -0.47
C ILE A 285 -8.46 -17.14 -1.04
N TYR A 286 -7.13 -17.32 -1.00
CA TYR A 286 -6.54 -18.48 -1.66
C TYR A 286 -6.75 -19.72 -0.79
N SER A 287 -6.50 -19.60 0.52
CA SER A 287 -6.78 -20.66 1.47
C SER A 287 -8.28 -20.94 1.52
N LEU A 288 -9.11 -19.89 1.47
CA LEU A 288 -10.55 -20.15 1.46
C LEU A 288 -10.93 -20.95 0.24
N TYR A 289 -10.44 -20.55 -0.94
CA TYR A 289 -10.81 -21.22 -2.18
C TYR A 289 -10.36 -22.69 -2.15
N ALA A 290 -9.14 -22.92 -1.66
CA ALA A 290 -8.55 -24.24 -1.60
C ALA A 290 -9.38 -25.16 -0.70
N LYS A 291 -9.90 -24.62 0.41
CA LYS A 291 -10.75 -25.34 1.34
C LYS A 291 -12.04 -25.77 0.65
N GLU A 292 -12.57 -24.89 -0.17
CA GLU A 292 -13.82 -25.16 -0.86
C GLU A 292 -13.60 -26.18 -1.98
N LEU A 293 -12.44 -26.16 -2.64
CA LEU A 293 -12.18 -27.09 -3.73
C LEU A 293 -11.97 -28.52 -3.22
N THR A 294 -11.52 -28.67 -1.95
CA THR A 294 -11.16 -29.93 -1.31
C THR A 294 -12.18 -30.41 -0.26
N ASN A 295 -13.36 -29.76 -0.19
CA ASN A 295 -14.39 -30.09 0.78
C ASN A 295 -13.85 -30.02 2.23
N THR A 296 -12.89 -29.10 2.46
CA THR A 296 -12.39 -28.82 3.79
C THR A 296 -13.34 -27.85 4.50
N PRO A 297 -13.68 -28.06 5.80
CA PRO A 297 -14.61 -27.17 6.48
C PRO A 297 -14.05 -25.75 6.62
N PHE A 298 -14.97 -24.79 6.68
CA PHE A 298 -14.66 -23.39 6.91
C PHE A 298 -13.81 -23.22 8.16
N PRO A 299 -12.81 -22.31 8.18
CA PRO A 299 -11.95 -22.17 9.36
C PRO A 299 -12.73 -21.66 10.57
N LYS A 300 -12.14 -21.93 11.73
CA LYS A 300 -12.67 -21.51 13.01
C LYS A 300 -12.57 -20.00 13.17
N ILE A 301 -13.72 -19.40 13.48
CA ILE A 301 -13.80 -17.98 13.80
C ILE A 301 -14.11 -17.81 15.28
N GLU A 302 -13.20 -17.07 15.96
CA GLU A 302 -13.34 -16.76 17.36
C GLU A 302 -14.67 -16.06 17.64
N SER A 303 -15.20 -16.34 18.83
CA SER A 303 -16.41 -15.71 19.30
C SER A 303 -16.08 -14.96 20.59
N LEU A 304 -16.26 -13.63 20.54
CA LEU A 304 -15.96 -12.72 21.63
C LEU A 304 -17.29 -12.21 22.14
N ASN A 305 -17.62 -12.60 23.37
CA ASN A 305 -18.78 -11.99 24.00
C ASN A 305 -18.37 -11.66 25.44
N PRO A 306 -17.74 -10.48 25.67
CA PRO A 306 -17.48 -10.01 27.03
C PRO A 306 -18.77 -9.75 27.79
N SER A 307 -18.87 -10.23 29.04
CA SER A 307 -20.08 -10.05 29.83
C SER A 307 -20.16 -8.62 30.36
N LYS A 308 -19.05 -8.15 30.96
CA LYS A 308 -18.87 -6.79 31.44
C LYS A 308 -19.34 -5.77 30.40
N LYS A 309 -19.86 -4.63 30.88
CA LYS A 309 -20.71 -3.76 30.08
C LYS A 309 -19.92 -2.55 29.55
N LYS A 310 -19.11 -1.93 30.41
CA LYS A 310 -18.39 -0.73 30.04
C LYS A 310 -17.17 -0.55 30.96
N ASN A 311 -16.36 0.48 30.65
CA ASN A 311 -15.37 1.02 31.57
C ASN A 311 -15.30 2.53 31.35
N ASN A 312 -14.29 3.18 31.92
CA ASN A 312 -14.08 4.62 31.74
C ASN A 312 -13.95 4.99 30.26
N PHE A 313 -13.11 4.25 29.53
CA PHE A 313 -12.56 4.67 28.26
C PHE A 313 -13.63 5.35 27.41
N ASN A 314 -13.26 6.54 26.88
CA ASN A 314 -14.03 7.31 25.89
C ASN A 314 -13.66 6.87 24.47
N MET A 315 -14.59 6.11 23.88
CA MET A 315 -14.45 5.53 22.56
C MET A 315 -14.66 6.61 21.50
N GLN A 316 -15.05 7.82 21.97
CA GLN A 316 -15.22 8.97 21.10
C GLN A 316 -14.05 9.96 21.22
N ASP A 317 -13.04 9.66 22.06
CA ASP A 317 -11.90 10.57 22.17
C ASP A 317 -10.79 10.11 21.23
N PRO A 318 -10.49 10.83 20.12
CA PRO A 318 -9.41 10.41 19.22
C PRO A 318 -8.01 10.36 19.84
N PHE A 319 -7.82 11.20 20.87
CA PHE A 319 -6.54 11.38 21.54
C PHE A 319 -6.25 10.18 22.40
N ALA A 320 -7.31 9.65 23.02
CA ALA A 320 -7.20 8.48 23.89
C ALA A 320 -6.88 7.25 23.03
N TRP A 321 -7.44 7.18 21.82
CA TRP A 321 -7.16 6.05 20.95
C TRP A 321 -5.66 6.09 20.65
N GLN A 322 -5.15 7.28 20.31
CA GLN A 322 -3.76 7.37 19.85
C GLN A 322 -2.82 6.95 20.98
N LYS A 323 -3.16 7.35 22.21
CA LYS A 323 -2.44 6.99 23.43
C LYS A 323 -2.44 5.47 23.65
N ILE A 324 -3.64 4.90 23.70
CA ILE A 324 -3.80 3.50 24.01
C ILE A 324 -3.21 2.69 22.87
N ASN A 325 -3.24 3.23 21.65
CA ASN A 325 -2.76 2.47 20.51
C ASN A 325 -1.26 2.29 20.67
N LYS A 326 -0.60 3.29 21.28
CA LYS A 326 0.84 3.30 21.39
C LYS A 326 1.24 2.25 22.43
N GLN A 327 0.60 2.26 23.61
CA GLN A 327 0.77 1.22 24.63
C GLN A 327 0.63 -0.19 24.03
N ILE A 328 -0.46 -0.45 23.33
CA ILE A 328 -0.73 -1.76 22.74
C ILE A 328 0.43 -2.21 21.84
N ARG A 329 1.04 -1.30 21.08
CA ARG A 329 2.07 -1.67 20.13
C ARG A 329 3.43 -1.85 20.82
N ASP A 330 3.74 -1.00 21.81
CA ASP A 330 4.95 -1.10 22.64
C ASP A 330 4.62 -1.91 23.90
N ALA A 331 4.27 -3.19 23.72
CA ALA A 331 3.87 -4.00 24.84
C ALA A 331 4.39 -5.43 24.73
N ASN A 332 4.34 -6.12 25.87
CA ASN A 332 4.85 -7.47 26.04
C ASN A 332 3.72 -8.31 26.63
N ALA A 333 4.03 -9.58 26.93
CA ALA A 333 3.14 -10.47 27.67
C ALA A 333 2.43 -9.72 28.81
N SER A 334 3.21 -9.25 29.79
CA SER A 334 2.66 -8.69 31.02
C SER A 334 1.59 -7.62 30.74
N GLN A 335 1.92 -6.65 29.88
CA GLN A 335 1.07 -5.49 29.66
C GLN A 335 -0.14 -5.87 28.79
N LEU A 336 0.08 -6.58 27.67
CA LEU A 336 -1.01 -7.05 26.82
C LEU A 336 -2.14 -7.68 27.63
N ASP A 337 -1.79 -8.52 28.61
CA ASP A 337 -2.77 -9.29 29.36
C ASP A 337 -3.51 -8.36 30.31
N VAL A 338 -2.86 -7.30 30.79
CA VAL A 338 -3.54 -6.31 31.62
C VAL A 338 -4.50 -5.50 30.75
N LEU A 339 -4.05 -5.21 29.51
CA LEU A 339 -4.83 -4.44 28.56
C LEU A 339 -6.05 -5.24 28.11
N ALA A 340 -5.84 -6.51 27.73
CA ALA A 340 -6.92 -7.38 27.31
C ALA A 340 -8.05 -7.38 28.35
N LYS A 341 -7.68 -7.50 29.62
CA LYS A 341 -8.65 -7.57 30.71
C LYS A 341 -9.29 -6.20 30.95
N GLU A 342 -8.48 -5.14 30.84
CA GLU A 342 -8.98 -3.78 31.01
C GLU A 342 -10.08 -3.53 29.97
N PHE A 343 -9.87 -3.97 28.72
CA PHE A 343 -10.76 -3.60 27.62
C PHE A 343 -11.74 -4.71 27.27
N ASP A 344 -11.85 -5.73 28.14
CA ASP A 344 -12.79 -6.83 27.96
C ASP A 344 -14.21 -6.42 28.34
N THR A 345 -14.77 -5.45 27.59
CA THR A 345 -16.14 -4.98 27.77
C THR A 345 -16.82 -4.84 26.43
N GLN A 346 -18.15 -4.67 26.46
CA GLN A 346 -18.94 -4.55 25.23
C GLN A 346 -18.68 -3.19 24.59
N GLU A 347 -18.48 -2.17 25.44
CA GLU A 347 -18.31 -0.80 24.99
C GLU A 347 -17.00 -0.66 24.23
N THR A 348 -15.96 -1.41 24.68
CA THR A 348 -14.60 -1.34 24.15
C THR A 348 -14.24 -2.62 23.39
N LEU A 349 -15.24 -3.30 22.82
CA LEU A 349 -15.03 -4.56 22.14
C LEU A 349 -14.04 -4.41 20.98
N PRO A 350 -14.12 -3.34 20.13
CA PRO A 350 -13.16 -3.19 19.02
C PRO A 350 -11.71 -3.24 19.50
N ILE A 351 -11.45 -2.56 20.62
CA ILE A 351 -10.13 -2.53 21.23
C ILE A 351 -9.77 -3.91 21.81
N TYR A 352 -10.70 -4.55 22.52
CA TYR A 352 -10.46 -5.90 23.00
C TYR A 352 -9.93 -6.79 21.88
N ALA A 353 -10.64 -6.81 20.75
CA ALA A 353 -10.27 -7.64 19.61
C ALA A 353 -8.91 -7.25 19.05
N TYR A 354 -8.67 -5.95 19.03
CA TYR A 354 -7.44 -5.40 18.50
C TYR A 354 -6.27 -5.96 19.32
N ILE A 355 -6.40 -5.85 20.65
CA ILE A 355 -5.41 -6.38 21.56
C ILE A 355 -5.27 -7.90 21.34
N LEU A 356 -6.39 -8.63 21.30
CA LEU A 356 -6.34 -10.09 21.20
C LEU A 356 -5.68 -10.50 19.89
N GLU A 357 -5.88 -9.73 18.83
CA GLU A 357 -5.36 -10.09 17.53
C GLU A 357 -3.84 -10.11 17.57
N ARG A 358 -3.26 -9.10 18.25
CA ARG A 358 -1.81 -8.95 18.41
C ARG A 358 -1.29 -9.99 19.40
N LYS A 359 -2.02 -10.17 20.50
CA LYS A 359 -1.62 -10.97 21.65
C LYS A 359 -1.42 -12.42 21.28
N ASN A 360 -2.27 -12.95 20.40
CA ASN A 360 -2.16 -14.34 19.95
C ASN A 360 -1.45 -14.39 18.60
N ASN A 361 -0.68 -13.34 18.31
CA ASN A 361 0.28 -13.33 17.20
C ASN A 361 -0.38 -13.73 15.87
N PHE A 362 -1.66 -13.36 15.70
CA PHE A 362 -2.34 -13.39 14.41
C PHE A 362 -2.74 -14.82 14.01
N LYS A 363 -2.66 -15.78 14.95
CA LYS A 363 -2.99 -17.18 14.68
C LYS A 363 -4.50 -17.38 14.76
N LYS A 364 -5.22 -16.46 15.44
CA LYS A 364 -6.66 -16.59 15.59
C LYS A 364 -7.37 -15.54 14.75
N HIS A 365 -8.58 -15.90 14.32
CA HIS A 365 -9.36 -15.12 13.37
C HIS A 365 -10.49 -14.41 14.10
N TYR A 366 -10.46 -13.07 14.12
CA TYR A 366 -11.45 -12.28 14.81
C TYR A 366 -12.26 -11.46 13.82
N PHE A 367 -13.58 -11.67 13.82
CA PHE A 367 -14.49 -10.99 12.93
C PHE A 367 -15.70 -10.54 13.76
N ILE A 368 -15.47 -9.53 14.58
CA ILE A 368 -16.52 -8.89 15.34
C ILE A 368 -17.48 -8.12 14.43
N MET A 369 -18.65 -7.84 15.01
CA MET A 369 -19.73 -7.10 14.37
C MET A 369 -20.18 -6.02 15.35
N PRO A 370 -19.36 -4.99 15.65
CA PRO A 370 -19.74 -3.98 16.64
C PRO A 370 -20.82 -3.01 16.15
N TYR A 371 -21.58 -2.43 17.11
CA TYR A 371 -22.61 -1.44 16.82
C TYR A 371 -23.59 -2.00 15.81
N TYR A 372 -23.99 -3.27 16.02
CA TYR A 372 -24.72 -4.06 15.04
C TYR A 372 -26.11 -3.48 14.75
N ASP A 373 -26.76 -2.96 15.81
CA ASP A 373 -28.01 -2.22 15.73
C ASP A 373 -28.11 -1.37 14.47
N ASN A 374 -27.00 -0.71 14.11
CA ASN A 374 -27.00 0.30 13.07
C ASN A 374 -27.08 -0.35 11.69
N ILE A 375 -26.92 -1.69 11.58
CA ILE A 375 -26.97 -2.34 10.27
C ILE A 375 -27.86 -3.59 10.24
N LYS A 376 -28.43 -4.01 11.37
CA LYS A 376 -29.16 -5.28 11.42
C LYS A 376 -30.36 -5.29 10.46
N ASP A 377 -30.81 -4.11 10.00
CA ASP A 377 -32.01 -4.04 9.18
C ASP A 377 -31.66 -4.10 7.70
N TYR A 378 -30.36 -4.03 7.35
CA TYR A 378 -29.96 -4.19 5.96
C TYR A 378 -29.95 -5.67 5.61
N ASN A 379 -30.13 -5.98 4.33
CA ASN A 379 -29.98 -7.36 3.86
C ASN A 379 -28.59 -7.86 4.24
N LYS A 380 -28.47 -9.17 4.47
CA LYS A 380 -27.28 -9.75 5.05
C LYS A 380 -26.08 -9.59 4.13
N THR A 381 -26.33 -9.57 2.82
CA THR A 381 -25.27 -9.40 1.83
C THR A 381 -24.64 -8.00 1.99
N ARG A 382 -25.47 -6.98 2.21
CA ARG A 382 -24.98 -5.63 2.41
C ARG A 382 -24.29 -5.52 3.78
N GLN A 383 -24.80 -6.16 4.82
CA GLN A 383 -24.11 -6.14 6.10
C GLN A 383 -22.68 -6.67 5.91
N ALA A 384 -22.52 -7.77 5.16
CA ALA A 384 -21.24 -8.43 5.08
C ALA A 384 -20.22 -7.50 4.42
N LEU A 385 -20.64 -6.85 3.34
CA LEU A 385 -19.80 -5.89 2.63
C LEU A 385 -19.35 -4.74 3.53
N ILE A 386 -20.30 -4.19 4.30
CA ILE A 386 -19.99 -3.11 5.22
C ILE A 386 -18.98 -3.58 6.23
N LEU A 387 -19.30 -4.67 6.90
CA LEU A 387 -18.43 -5.21 7.92
C LEU A 387 -17.06 -5.52 7.32
N ALA A 388 -17.03 -5.94 6.06
CA ALA A 388 -15.77 -6.38 5.48
C ALA A 388 -14.84 -5.17 5.28
N ILE A 389 -15.41 -4.10 4.75
CA ILE A 389 -14.74 -2.82 4.55
C ILE A 389 -14.23 -2.32 5.91
N ALA A 390 -15.12 -2.23 6.92
CA ALA A 390 -14.76 -1.67 8.20
C ALA A 390 -13.61 -2.44 8.84
N ARG A 391 -13.64 -3.78 8.77
CA ARG A 391 -12.60 -4.59 9.35
C ARG A 391 -11.24 -4.17 8.80
N GLN A 392 -11.13 -4.12 7.47
CA GLN A 392 -9.91 -3.75 6.78
C GLN A 392 -9.57 -2.26 7.02
N GLU A 393 -10.59 -1.40 7.05
CA GLU A 393 -10.33 0.03 7.07
C GLU A 393 -9.74 0.44 8.42
N SER A 394 -10.23 -0.16 9.49
CA SER A 394 -10.13 0.45 10.81
C SER A 394 -10.06 -0.59 11.93
N ARG A 395 -10.37 -1.86 11.64
CA ARG A 395 -10.68 -2.84 12.68
C ARG A 395 -11.70 -2.25 13.64
N PHE A 396 -12.64 -1.46 13.09
CA PHE A 396 -13.81 -0.97 13.81
C PHE A 396 -13.46 0.01 14.94
N ILE A 397 -12.30 0.70 14.84
CA ILE A 397 -11.92 1.67 15.83
C ILE A 397 -12.64 2.98 15.47
N PRO A 398 -13.58 3.47 16.31
CA PRO A 398 -14.44 4.60 15.91
C PRO A 398 -13.67 5.87 15.58
N THR A 399 -12.58 6.16 16.32
CA THR A 399 -11.81 7.39 16.13
C THR A 399 -10.54 7.15 15.30
N ALA A 400 -10.56 6.16 14.41
CA ALA A 400 -9.39 5.85 13.59
C ALA A 400 -9.11 6.99 12.61
N ILE A 401 -7.82 7.31 12.45
CA ILE A 401 -7.35 8.35 11.56
C ILE A 401 -6.13 7.84 10.80
N SER A 402 -6.18 7.97 9.46
CA SER A 402 -5.12 7.49 8.62
C SER A 402 -4.10 8.61 8.36
N VAL A 403 -3.04 8.26 7.64
CA VAL A 403 -1.94 9.18 7.37
C VAL A 403 -2.42 10.28 6.44
N SER A 404 -3.49 9.99 5.68
CA SER A 404 -4.10 10.96 4.78
C SER A 404 -5.36 11.59 5.41
N TYR A 405 -5.54 11.38 6.72
CA TYR A 405 -6.65 11.93 7.53
C TYR A 405 -8.03 11.42 7.07
N ALA A 406 -8.12 10.15 6.66
CA ALA A 406 -9.41 9.47 6.55
C ALA A 406 -9.92 9.12 7.95
N LEU A 407 -11.27 9.17 8.13
CA LEU A 407 -11.86 9.25 9.47
C LEU A 407 -12.81 8.10 9.77
N GLY A 408 -12.69 7.58 11.01
CA GLY A 408 -13.60 6.61 11.62
C GLY A 408 -13.53 5.20 11.02
N MET A 409 -14.51 4.38 11.42
CA MET A 409 -14.57 2.95 11.11
C MET A 409 -14.52 2.68 9.60
N MET A 410 -15.10 3.58 8.79
CA MET A 410 -15.27 3.35 7.37
C MET A 410 -14.28 4.20 6.61
N GLN A 411 -13.44 4.94 7.36
CA GLN A 411 -12.29 5.64 6.81
C GLN A 411 -12.66 6.50 5.60
N PHE A 412 -13.57 7.45 5.82
CA PHE A 412 -13.96 8.40 4.78
C PHE A 412 -12.93 9.52 4.65
N MET A 413 -12.58 9.87 3.41
CA MET A 413 -11.84 11.10 3.14
C MET A 413 -12.76 12.28 3.51
N PRO A 414 -12.25 13.37 4.16
CA PRO A 414 -13.09 14.54 4.49
C PRO A 414 -13.90 15.16 3.35
N PHE A 415 -13.34 15.20 2.14
CA PHE A 415 -14.08 15.75 1.03
C PHE A 415 -15.41 14.99 0.86
N LEU A 416 -15.31 13.66 0.73
CA LEU A 416 -16.48 12.84 0.50
C LEU A 416 -17.42 12.88 1.70
N ALA A 417 -16.88 12.86 2.92
CA ALA A 417 -17.74 12.88 4.10
C ALA A 417 -18.57 14.16 4.12
N ASN A 418 -18.01 15.28 3.67
CA ASN A 418 -18.71 16.57 3.71
C ASN A 418 -19.72 16.65 2.56
N HIS A 419 -19.41 16.08 1.41
CA HIS A 419 -20.34 16.08 0.31
C HIS A 419 -21.61 15.34 0.72
N ILE A 420 -21.46 14.13 1.26
CA ILE A 420 -22.59 13.32 1.68
C ILE A 420 -23.33 14.05 2.81
N GLY A 421 -22.58 14.46 3.84
CA GLY A 421 -23.13 15.04 5.04
C GLY A 421 -23.88 16.38 4.83
N GLU A 422 -23.38 17.21 3.90
CA GLU A 422 -23.86 18.57 3.73
C GLU A 422 -24.75 18.69 2.49
N LYS A 423 -24.29 18.23 1.32
CA LYS A 423 -25.14 18.33 0.14
C LYS A 423 -26.21 17.24 0.13
N GLU A 424 -25.83 15.96 0.19
CA GLU A 424 -26.75 14.86 -0.10
C GLU A 424 -27.73 14.63 1.05
N LEU A 425 -27.19 14.31 2.25
CA LEU A 425 -28.01 13.83 3.35
C LEU A 425 -28.47 14.98 4.23
N LYS A 426 -27.85 16.16 4.05
CA LYS A 426 -28.30 17.41 4.65
C LYS A 426 -28.44 17.30 6.17
N ILE A 427 -27.51 16.58 6.82
CA ILE A 427 -27.54 16.48 8.29
C ILE A 427 -27.36 17.88 8.89
N PRO A 428 -28.22 18.27 9.86
CA PRO A 428 -28.07 19.57 10.52
C PRO A 428 -26.80 19.71 11.38
N ASN A 429 -26.02 20.78 11.11
CA ASN A 429 -24.79 21.10 11.83
C ASN A 429 -23.72 20.03 11.59
N PHE A 430 -23.76 19.42 10.40
CA PHE A 430 -22.81 18.37 10.07
C PHE A 430 -21.39 18.88 10.26
N ASP A 431 -20.56 18.08 10.94
CA ASP A 431 -19.12 18.23 10.90
C ASP A 431 -18.51 16.90 10.49
N GLN A 432 -17.40 16.96 9.74
CA GLN A 432 -16.68 15.78 9.29
C GLN A 432 -16.29 14.84 10.44
N ASP A 433 -16.08 15.37 11.65
CA ASP A 433 -15.80 14.54 12.82
C ASP A 433 -17.00 13.69 13.21
N PHE A 434 -18.11 13.81 12.47
CA PHE A 434 -19.27 12.97 12.69
C PHE A 434 -18.95 11.54 12.22
N MET A 435 -18.00 11.41 11.28
CA MET A 435 -17.50 10.12 10.82
C MET A 435 -16.93 9.26 11.96
N PHE A 436 -16.65 9.84 13.14
CA PHE A 436 -16.18 9.06 14.28
C PHE A 436 -17.32 8.37 15.03
N LYS A 437 -18.55 8.67 14.63
CA LYS A 437 -19.73 8.01 15.18
C LYS A 437 -20.05 6.76 14.36
N PRO A 438 -20.10 5.57 15.02
CA PRO A 438 -20.49 4.34 14.34
C PRO A 438 -21.73 4.49 13.47
N GLU A 439 -22.80 5.05 14.07
CA GLU A 439 -24.10 5.24 13.40
C GLU A 439 -23.89 5.95 12.07
N ILE A 440 -23.00 6.97 12.07
CA ILE A 440 -22.80 7.77 10.88
C ILE A 440 -21.90 7.04 9.90
N ALA A 441 -20.81 6.47 10.42
CA ALA A 441 -19.85 5.73 9.62
C ALA A 441 -20.60 4.66 8.80
N TYR A 442 -21.38 3.82 9.49
CA TYR A 442 -22.12 2.75 8.83
C TYR A 442 -23.16 3.29 7.84
N TYR A 443 -23.88 4.36 8.23
CA TYR A 443 -24.86 5.03 7.38
C TYR A 443 -24.21 5.58 6.11
N PHE A 444 -23.10 6.31 6.23
CA PHE A 444 -22.51 6.87 5.03
C PHE A 444 -21.88 5.78 4.18
N GLY A 445 -21.34 4.76 4.85
CA GLY A 445 -20.76 3.59 4.17
C GLY A 445 -21.81 2.87 3.33
N ASN A 446 -22.96 2.59 3.96
CA ASN A 446 -24.09 2.01 3.25
C ASN A 446 -24.46 2.89 2.06
N TYR A 447 -24.56 4.20 2.28
CA TYR A 447 -24.97 5.11 1.20
C TYR A 447 -23.96 5.04 0.06
N HIS A 448 -22.66 5.13 0.42
CA HIS A 448 -21.62 5.14 -0.60
C HIS A 448 -21.52 3.76 -1.27
N LEU A 449 -21.75 2.68 -0.51
CA LEU A 449 -21.68 1.36 -1.11
C LEU A 449 -22.88 1.12 -2.04
N ASN A 450 -24.07 1.63 -1.70
CA ASN A 450 -25.16 1.65 -2.67
C ASN A 450 -24.71 2.29 -3.99
N TYR A 451 -24.07 3.47 -3.92
CA TYR A 451 -23.59 4.09 -5.15
C TYR A 451 -22.73 3.10 -5.93
N LEU A 452 -21.70 2.49 -5.28
CA LEU A 452 -20.67 1.76 -6.02
C LEU A 452 -21.21 0.45 -6.61
N GLU A 453 -22.00 -0.27 -5.79
CA GLU A 453 -22.51 -1.60 -6.13
C GLU A 453 -23.47 -1.48 -7.31
N SER A 454 -24.23 -0.38 -7.36
CA SER A 454 -25.15 -0.13 -8.47
C SER A 454 -24.41 0.03 -9.81
N ARG A 455 -23.12 0.38 -9.83
CA ARG A 455 -22.39 0.52 -11.09
C ARG A 455 -21.46 -0.66 -11.36
N LEU A 456 -21.09 -1.43 -10.32
CA LEU A 456 -19.94 -2.32 -10.43
C LEU A 456 -20.28 -3.79 -10.16
N LYS A 457 -21.30 -4.05 -9.31
CA LYS A 457 -21.88 -5.38 -9.12
C LYS A 457 -21.02 -6.22 -8.16
N SER A 458 -19.86 -6.70 -8.63
CA SER A 458 -18.98 -7.53 -7.83
C SER A 458 -18.51 -6.79 -6.58
N PRO A 459 -18.55 -7.44 -5.40
CA PRO A 459 -17.97 -6.86 -4.20
C PRO A 459 -16.46 -6.68 -4.29
N LEU A 460 -15.77 -7.44 -5.16
CA LEU A 460 -14.36 -7.16 -5.42
C LEU A 460 -14.18 -5.79 -6.08
N PHE A 461 -14.96 -5.53 -7.12
CA PHE A 461 -14.88 -4.27 -7.86
C PHE A 461 -15.25 -3.09 -6.96
N VAL A 462 -16.31 -3.30 -6.19
CA VAL A 462 -16.73 -2.30 -5.22
C VAL A 462 -15.57 -2.00 -4.27
N ALA A 463 -14.83 -3.04 -3.86
CA ALA A 463 -13.76 -2.82 -2.90
C ALA A 463 -12.65 -1.99 -3.56
N TYR A 464 -12.33 -2.34 -4.81
CA TYR A 464 -11.32 -1.58 -5.54
C TYR A 464 -11.75 -0.12 -5.54
N ALA A 465 -13.02 0.16 -5.80
CA ALA A 465 -13.44 1.54 -6.05
C ALA A 465 -13.63 2.30 -4.74
N TYR A 466 -13.86 1.57 -3.64
CA TYR A 466 -13.99 2.22 -2.35
C TYR A 466 -12.65 2.80 -1.95
N ASN A 467 -11.56 2.12 -2.33
CA ASN A 467 -10.22 2.50 -1.90
C ASN A 467 -9.58 3.47 -2.90
N GLY A 468 -9.69 3.20 -4.20
CA GLY A 468 -8.99 3.95 -5.23
C GLY A 468 -9.89 4.85 -6.08
N GLY A 469 -11.21 4.80 -5.80
CA GLY A 469 -12.21 5.55 -6.56
C GLY A 469 -12.70 4.82 -7.81
N ILE A 470 -13.92 5.18 -8.24
CA ILE A 470 -14.60 4.50 -9.34
C ILE A 470 -14.01 4.94 -10.66
N GLY A 471 -13.37 6.13 -10.63
CA GLY A 471 -12.58 6.63 -11.73
C GLY A 471 -11.63 5.55 -12.26
N PHE A 472 -10.69 5.10 -11.41
CA PHE A 472 -9.67 4.19 -11.90
C PHE A 472 -10.22 2.78 -12.10
N THR A 473 -11.24 2.40 -11.30
CA THR A 473 -11.89 1.11 -11.43
C THR A 473 -12.51 1.00 -12.83
N ASN A 474 -13.29 2.01 -13.22
CA ASN A 474 -13.92 1.98 -14.54
C ASN A 474 -12.85 1.96 -15.62
N ARG A 475 -11.81 2.79 -15.49
CA ARG A 475 -10.72 2.78 -16.46
C ARG A 475 -10.15 1.37 -16.61
N MET A 476 -9.91 0.69 -15.48
CA MET A 476 -9.30 -0.63 -15.52
C MET A 476 -10.26 -1.65 -16.17
N LEU A 477 -11.56 -1.57 -15.89
CA LEU A 477 -12.50 -2.55 -16.44
C LEU A 477 -12.75 -2.35 -17.94
N ALA A 478 -12.56 -1.12 -18.43
CA ALA A 478 -12.71 -0.81 -19.84
C ALA A 478 -11.67 -1.50 -20.71
N ARG A 479 -10.47 -1.74 -20.16
CA ARG A 479 -9.40 -2.38 -20.92
C ARG A 479 -9.80 -3.84 -21.23
N ASN A 480 -9.22 -4.39 -22.30
CA ASN A 480 -9.65 -5.67 -22.85
C ASN A 480 -8.71 -6.78 -22.39
N ASP A 481 -7.76 -6.44 -21.50
CA ASP A 481 -6.81 -7.38 -20.94
C ASP A 481 -6.96 -7.40 -19.41
N MET A 482 -8.11 -6.96 -18.89
CA MET A 482 -8.36 -6.99 -17.46
C MET A 482 -9.79 -7.46 -17.26
N PHE A 483 -9.91 -8.59 -16.54
CA PHE A 483 -11.16 -9.14 -16.08
C PHE A 483 -11.97 -9.60 -17.28
N LYS A 484 -11.24 -10.00 -18.33
CA LYS A 484 -11.81 -10.72 -19.45
C LYS A 484 -11.52 -12.21 -19.25
N THR A 485 -11.79 -13.01 -20.30
CA THR A 485 -11.66 -14.46 -20.26
C THR A 485 -10.22 -14.81 -20.63
N GLY A 486 -9.75 -15.98 -20.19
CA GLY A 486 -8.37 -16.41 -20.40
C GLY A 486 -8.07 -17.58 -19.47
N LYS A 487 -7.00 -18.34 -19.75
CA LYS A 487 -6.64 -19.50 -18.94
C LYS A 487 -6.68 -19.19 -17.44
N PHE A 488 -6.05 -18.07 -17.05
CA PHE A 488 -5.63 -17.86 -15.68
C PHE A 488 -6.48 -16.78 -15.01
N GLU A 489 -7.66 -16.52 -15.62
CA GLU A 489 -8.52 -15.43 -15.19
C GLU A 489 -9.54 -15.97 -14.18
N PRO A 490 -10.04 -15.15 -13.22
CA PRO A 490 -9.68 -13.74 -13.09
C PRO A 490 -8.43 -13.47 -12.25
N PHE A 491 -7.68 -14.53 -11.93
CA PHE A 491 -6.67 -14.44 -10.88
C PHE A 491 -5.50 -13.59 -11.38
N LEU A 492 -5.21 -13.69 -12.69
CA LEU A 492 -4.14 -12.89 -13.25
C LEU A 492 -4.50 -11.41 -13.15
N SER A 493 -5.72 -11.05 -13.54
CA SER A 493 -6.11 -9.64 -13.53
C SER A 493 -5.94 -9.04 -12.13
N MET A 494 -6.17 -9.87 -11.10
CA MET A 494 -6.05 -9.46 -9.71
C MET A 494 -4.59 -9.20 -9.33
N GLU A 495 -3.66 -9.79 -10.08
CA GLU A 495 -2.25 -9.58 -9.82
C GLU A 495 -1.79 -8.30 -10.53
N LEU A 496 -2.59 -7.83 -11.50
CA LEU A 496 -2.19 -6.73 -12.37
C LEU A 496 -2.99 -5.45 -12.11
N VAL A 497 -3.75 -5.39 -11.01
CA VAL A 497 -4.39 -4.14 -10.64
C VAL A 497 -3.28 -3.11 -10.46
N PRO A 498 -3.34 -1.97 -11.20
CA PRO A 498 -2.20 -1.05 -11.29
C PRO A 498 -1.83 -0.20 -10.06
N TYR A 499 -2.68 -0.13 -9.03
CA TYR A 499 -2.28 0.47 -7.76
C TYR A 499 -2.11 -0.64 -6.71
N GLN A 500 -0.91 -0.73 -6.12
CA GLN A 500 -0.62 -1.73 -5.10
C GLN A 500 -1.59 -1.68 -3.91
N GLU A 501 -1.89 -0.48 -3.41
CA GLU A 501 -2.69 -0.38 -2.19
C GLU A 501 -4.06 -1.03 -2.44
N SER A 502 -4.58 -0.84 -3.66
CA SER A 502 -5.90 -1.28 -4.08
C SER A 502 -5.92 -2.77 -4.44
N ARG A 503 -4.81 -3.27 -5.02
CA ARG A 503 -4.62 -4.68 -5.36
C ARG A 503 -4.75 -5.58 -4.13
N ILE A 504 -4.08 -5.16 -3.05
CA ILE A 504 -4.07 -5.80 -1.74
C ILE A 504 -5.42 -5.62 -1.04
N TYR A 505 -5.92 -4.38 -1.02
CA TYR A 505 -7.20 -4.05 -0.38
C TYR A 505 -8.30 -4.99 -0.87
N GLY A 506 -8.39 -5.17 -2.20
CA GLY A 506 -9.46 -5.95 -2.79
C GLY A 506 -9.49 -7.40 -2.29
N LYS A 507 -8.30 -8.00 -2.27
CA LYS A 507 -8.08 -9.38 -1.87
C LYS A 507 -8.48 -9.54 -0.40
N LYS A 508 -8.11 -8.58 0.44
CA LYS A 508 -8.35 -8.71 1.85
C LYS A 508 -9.83 -8.51 2.20
N VAL A 509 -10.46 -7.55 1.51
CA VAL A 509 -11.86 -7.24 1.78
C VAL A 509 -12.75 -8.39 1.30
N LEU A 510 -12.37 -8.97 0.15
CA LEU A 510 -13.07 -10.09 -0.43
C LEU A 510 -13.03 -11.29 0.53
N ALA A 511 -11.87 -11.58 1.12
CA ALA A 511 -11.80 -12.61 2.13
C ALA A 511 -12.76 -12.30 3.29
N ASN A 512 -12.76 -11.05 3.75
CA ASN A 512 -13.57 -10.66 4.90
C ASN A 512 -15.04 -10.82 4.54
N TYR A 513 -15.38 -10.50 3.29
CA TYR A 513 -16.75 -10.62 2.80
C TYR A 513 -17.26 -12.06 2.89
N ILE A 514 -16.51 -13.00 2.29
CA ILE A 514 -16.79 -14.42 2.40
C ILE A 514 -17.09 -14.79 3.86
N VAL A 515 -16.15 -14.47 4.74
CA VAL A 515 -16.26 -14.82 6.15
C VAL A 515 -17.53 -14.22 6.75
N TYR A 516 -17.77 -12.92 6.55
CA TYR A 516 -18.91 -12.31 7.21
C TYR A 516 -20.22 -12.89 6.63
N ARG A 517 -20.28 -13.17 5.34
CA ARG A 517 -21.48 -13.80 4.78
C ARG A 517 -21.71 -15.15 5.46
N HIS A 518 -20.60 -15.86 5.73
CA HIS A 518 -20.70 -17.12 6.45
C HIS A 518 -21.27 -16.91 7.86
N LEU A 519 -20.72 -15.97 8.62
CA LEU A 519 -21.13 -15.79 10.01
C LEU A 519 -22.57 -15.32 10.08
N LEU A 520 -23.03 -14.62 9.05
CA LEU A 520 -24.39 -14.10 9.02
C LEU A 520 -25.39 -15.11 8.49
N ASN A 521 -24.97 -16.35 8.22
CA ASN A 521 -25.87 -17.37 7.69
C ASN A 521 -26.35 -16.99 6.29
N ASP A 522 -25.44 -16.45 5.48
CA ASP A 522 -25.70 -16.11 4.08
C ASP A 522 -24.49 -16.49 3.21
N SER A 523 -23.90 -17.66 3.52
CA SER A 523 -22.85 -18.33 2.77
C SER A 523 -22.94 -18.13 1.27
N ILE A 524 -21.78 -17.89 0.65
CA ILE A 524 -21.66 -18.00 -0.79
C ILE A 524 -20.36 -18.76 -1.07
N LYS A 525 -20.34 -19.53 -2.16
CA LYS A 525 -19.12 -20.13 -2.63
C LYS A 525 -18.25 -19.02 -3.23
N ILE A 526 -16.97 -18.98 -2.85
CA ILE A 526 -16.06 -17.99 -3.40
C ILE A 526 -15.82 -18.24 -4.89
N SER A 527 -15.99 -19.49 -5.34
CA SER A 527 -15.87 -19.81 -6.75
C SER A 527 -16.91 -19.05 -7.58
N ASP A 528 -18.07 -18.74 -6.99
CA ASP A 528 -19.11 -17.98 -7.70
C ASP A 528 -18.71 -16.51 -7.85
N ILE A 529 -18.12 -15.94 -6.80
CA ILE A 529 -17.51 -14.62 -6.90
C ILE A 529 -16.51 -14.62 -8.05
N PHE A 530 -15.69 -15.67 -8.19
CA PHE A 530 -14.67 -15.68 -9.21
C PHE A 530 -15.31 -15.82 -10.60
N GLU A 531 -16.40 -16.58 -10.72
CA GLU A 531 -17.03 -16.74 -12.03
C GLU A 531 -17.57 -15.39 -12.52
N ASN A 532 -18.21 -14.58 -11.65
CA ASN A 532 -18.81 -13.30 -12.05
C ASN A 532 -17.78 -12.16 -12.15
N LEU A 533 -16.47 -12.45 -12.10
CA LEU A 533 -15.46 -11.45 -12.38
C LEU A 533 -15.09 -11.44 -13.87
N ILE A 534 -15.56 -12.45 -14.62
CA ILE A 534 -15.32 -12.54 -16.05
C ILE A 534 -16.52 -11.97 -16.82
N GLN A 535 -16.28 -11.16 -17.87
CA GLN A 535 -17.37 -10.48 -18.57
C GLN A 535 -17.64 -11.14 -19.94
C1 ZI2 B . -6.39 3.62 10.38
C2 ZI2 B . -5.82 3.44 9.00
O1 ZI2 B . -4.77 3.97 8.67
N1 ZI2 B . -6.51 2.70 8.12
C3 ZI2 B . -6.09 2.36 6.77
C4 ZI2 B . -7.11 2.93 5.78
O2 ZI2 B . -7.29 4.35 5.92
C5 ZI2 B . -6.67 2.61 4.35
N2 ZI2 B . -7.55 3.19 3.33
C6 ZI2 B . -6.59 1.08 4.18
C7 ZI2 B . -6.08 0.67 2.83
O3 ZI2 B . -6.00 -0.75 2.79
O4 ZI2 B . -5.63 0.59 5.12
C8 ZI2 B . -5.90 0.85 6.49
O5 ZI2 B . -4.80 0.34 7.18
C9 ZI2 B . -4.98 -0.99 7.72
C10 ZI2 B . -5.51 -0.82 9.13
C11 ZI2 B . -4.59 -0.11 10.08
O6 ZI2 B . -5.17 -0.01 11.38
C12 ZI2 B . -5.48 -1.30 11.87
C13 ZI2 B . -6.41 -2.06 10.94
O7 ZI2 B . -5.93 -2.10 9.60
C1 CIT C . -9.39 -15.93 22.50
O1 CIT C . -8.33 -15.48 23.03
O2 CIT C . -9.71 -15.70 21.31
C2 CIT C . -10.32 -16.81 23.32
C3 CIT C . -11.76 -16.32 23.47
O7 CIT C . -12.30 -16.00 22.19
C4 CIT C . -11.71 -15.06 24.35
C5 CIT C . -13.03 -14.38 24.68
O3 CIT C . -12.96 -13.33 25.34
O4 CIT C . -14.13 -14.89 24.31
C6 CIT C . -12.65 -17.42 24.14
O5 CIT C . -12.28 -17.86 25.25
O6 CIT C . -13.70 -17.79 23.51
S DMS D . 2.54 -9.66 -3.46
O DMS D . 2.66 -9.26 -2.01
C1 DMS D . 1.89 -11.32 -3.44
C2 DMS D . 4.20 -10.00 -3.99
S DMS E . -13.70 6.56 1.40
O DMS E . -13.69 8.07 1.20
C1 DMS E . -14.69 5.89 0.07
C2 DMS E . -12.10 6.04 0.80
#